data_4GF6
#
_entry.id   4GF6
#
_cell.length_a   50.827
_cell.length_b   63.052
_cell.length_c   70.369
_cell.angle_alpha   90.00
_cell.angle_beta   90.00
_cell.angle_gamma   90.00
#
_symmetry.space_group_name_H-M   'P 21 21 21'
#
loop_
_entity.id
_entity.type
_entity.pdbx_description
1 polymer 'green fluorescent protein'
2 non-polymer 'COPPER (II) ION'
3 non-polymer 'CALCIUM ION'
4 water water
#
_entity_poly.entity_id   1
_entity_poly.type   'polypeptide(L)'
_entity_poly.pdbx_seq_one_letter_code
;MSKGAELFTGVVPILVELDGDVNGHKFSVSGEGEGDATYGKLTLKFICTTGKLPVPWPTLVTTFSYGVQCFSRYPDHMKA
HDFFKSAMPEGYVQERTISFKDDGNYKTRAEVKFEGDTLVNRIALKGIDFKEAGNILGHKLEYNYNSHNV(0WZ)ITADK
QKNGIKANFKIRHNIADGSVQLADHYQQNTPIGAGPVLLPDNHYLSTQSALSKDPNEKRDHMVLLEFVTAAGITHGMDEA
YALEHHHHHH
;
_entity_poly.pdbx_strand_id   B
#
# COMPACT_ATOMS: atom_id res chain seq x y z
N GLY A 4 -20.61 -1.05 1.31
CA GLY A 4 -19.50 -0.73 0.35
C GLY A 4 -18.76 -1.98 -0.11
N ALA A 5 -18.83 -3.02 0.70
CA ALA A 5 -18.18 -4.29 0.36
C ALA A 5 -18.69 -4.87 -0.96
N GLU A 6 -19.96 -4.64 -1.28
CA GLU A 6 -20.58 -5.14 -2.51
C GLU A 6 -19.93 -4.56 -3.76
N LEU A 7 -19.22 -3.44 -3.61
CA LEU A 7 -18.55 -2.81 -4.73
C LEU A 7 -17.30 -3.57 -5.12
N PHE A 8 -16.89 -4.54 -4.30
CA PHE A 8 -15.58 -5.21 -4.43
C PHE A 8 -15.67 -6.70 -4.70
N THR A 9 -16.87 -7.26 -4.91
CA THR A 9 -17.00 -8.71 -5.09
C THR A 9 -16.52 -9.20 -6.46
N GLY A 10 -16.38 -8.29 -7.42
CA GLY A 10 -15.86 -8.63 -8.73
C GLY A 10 -14.50 -7.99 -8.98
N VAL A 11 -14.11 -7.95 -10.25
CA VAL A 11 -12.85 -7.35 -10.66
C VAL A 11 -13.11 -5.87 -10.91
N VAL A 12 -12.37 -5.02 -10.22
CA VAL A 12 -12.60 -3.58 -10.28
C VAL A 12 -11.41 -2.92 -10.99
N PRO A 13 -11.69 -2.08 -12.00
CA PRO A 13 -10.59 -1.35 -12.61
C PRO A 13 -10.01 -0.34 -11.63
N ILE A 14 -8.68 -0.18 -11.70
CA ILE A 14 -7.95 0.74 -10.85
C ILE A 14 -7.16 1.72 -11.72
N LEU A 15 -7.20 2.99 -11.33
CA LEU A 15 -6.34 4.01 -11.91
C LEU A 15 -5.54 4.67 -10.81
N VAL A 16 -4.24 4.85 -11.05
CA VAL A 16 -3.33 5.50 -10.11
C VAL A 16 -2.66 6.67 -10.82
N GLU A 17 -2.70 7.84 -10.19
CA GLU A 17 -2.04 9.02 -10.77
C GLU A 17 -1.21 9.64 -9.68
N LEU A 18 0.08 9.86 -9.94
CA LEU A 18 0.97 10.45 -8.95
C LEU A 18 1.76 11.58 -9.59
N ASP A 19 1.86 12.70 -8.87
CA ASP A 19 2.85 13.72 -9.18
C ASP A 19 3.80 13.80 -8.01
N GLY A 20 5.10 13.86 -8.32
CA GLY A 20 6.13 13.83 -7.31
C GLY A 20 7.19 14.89 -7.52
N ASP A 21 7.81 15.28 -6.41
CA ASP A 21 8.97 16.17 -6.40
C ASP A 21 9.85 15.65 -5.27
N VAL A 22 10.98 15.06 -5.64
CA VAL A 22 11.96 14.55 -4.68
C VAL A 22 13.24 15.34 -4.85
N ASN A 23 13.61 16.15 -3.86
CA ASN A 23 14.79 17.01 -3.94
C ASN A 23 14.82 17.84 -5.25
N GLY A 24 13.65 18.29 -5.72
CA GLY A 24 13.58 19.09 -6.94
C GLY A 24 13.55 18.29 -8.24
N HIS A 25 13.61 16.97 -8.13
CA HIS A 25 13.42 16.08 -9.28
C HIS A 25 11.94 15.81 -9.40
N LYS A 26 11.33 16.37 -10.45
CA LYS A 26 9.90 16.26 -10.64
C LYS A 26 9.56 15.14 -11.59
N PHE A 27 8.45 14.46 -11.31
CA PHE A 27 8.07 13.30 -12.10
C PHE A 27 6.59 13.03 -11.95
N SER A 28 6.05 12.32 -12.93
CA SER A 28 4.66 11.87 -12.88
C SER A 28 4.57 10.41 -13.27
N VAL A 29 3.60 9.71 -12.67
CA VAL A 29 3.37 8.32 -12.96
C VAL A 29 1.87 8.10 -13.17
N SER A 30 1.54 7.35 -14.20
CA SER A 30 0.18 6.86 -14.44
C SER A 30 0.16 5.35 -14.34
N GLY A 31 -0.79 4.82 -13.57
CA GLY A 31 -0.97 3.39 -13.45
C GLY A 31 -2.36 2.95 -13.79
N GLU A 32 -2.45 1.70 -14.23
CA GLU A 32 -3.71 1.03 -14.52
C GLU A 32 -3.64 -0.37 -13.98
N GLY A 33 -4.73 -0.87 -13.42
CA GLY A 33 -4.73 -2.19 -12.88
C GLY A 33 -6.11 -2.72 -12.65
N GLU A 34 -6.11 -3.86 -11.96
CA GLU A 34 -7.32 -4.58 -11.69
C GLU A 34 -7.22 -5.10 -10.26
N GLY A 35 -8.28 -4.90 -9.50
CA GLY A 35 -8.33 -5.37 -8.12
C GLY A 35 -9.43 -6.40 -7.95
N ASP A 36 -9.12 -7.47 -7.23
CA ASP A 36 -10.05 -8.59 -7.05
CA ASP A 36 -9.97 -8.64 -7.08
C ASP A 36 -9.95 -8.99 -5.59
N ALA A 37 -10.67 -8.22 -4.77
CA ALA A 37 -10.62 -8.36 -3.31
C ALA A 37 -11.09 -9.71 -2.83
N THR A 38 -11.92 -10.41 -3.60
CA THR A 38 -12.32 -11.77 -3.26
C THR A 38 -11.10 -12.64 -2.96
N TYR A 39 -10.00 -12.37 -3.67
CA TYR A 39 -8.74 -13.11 -3.55
C TYR A 39 -7.62 -12.27 -2.96
N GLY A 40 -7.95 -11.06 -2.50
CA GLY A 40 -6.94 -10.14 -2.00
C GLY A 40 -5.92 -9.75 -3.05
N LYS A 41 -6.33 -9.76 -4.32
CA LYS A 41 -5.38 -9.71 -5.42
C LYS A 41 -5.38 -8.40 -6.17
N LEU A 42 -4.18 -7.88 -6.44
CA LEU A 42 -3.96 -6.65 -7.20
C LEU A 42 -2.99 -6.95 -8.33
N THR A 43 -3.27 -6.44 -9.52
CA THR A 43 -2.32 -6.45 -10.61
C THR A 43 -2.31 -5.04 -11.19
N LEU A 44 -1.13 -4.41 -11.20
CA LEU A 44 -1.00 -3.02 -11.60
C LEU A 44 0.22 -2.82 -12.48
N LYS A 45 0.11 -1.91 -13.44
CA LYS A 45 1.25 -1.50 -14.26
C LYS A 45 1.36 0.01 -14.19
N PHE A 46 2.53 0.48 -13.78
CA PHE A 46 2.83 1.91 -13.63
C PHE A 46 3.83 2.34 -14.68
N ILE A 47 3.59 3.50 -15.29
CA ILE A 47 4.46 4.05 -16.30
C ILE A 47 4.89 5.44 -15.83
N CYS A 48 6.20 5.72 -15.87
CA CYS A 48 6.69 7.06 -15.65
C CYS A 48 6.51 7.85 -16.93
N THR A 49 5.56 8.77 -16.92
CA THR A 49 5.18 9.48 -18.14
C THR A 49 6.09 10.67 -18.43
N THR A 50 6.92 11.05 -17.47
CA THR A 50 7.85 12.16 -17.62
C THR A 50 9.24 11.72 -18.11
N GLY A 51 9.46 10.42 -18.26
CA GLY A 51 10.75 9.88 -18.67
C GLY A 51 11.29 8.89 -17.65
N LYS A 52 12.54 9.06 -17.25
CA LYS A 52 13.16 8.16 -16.31
C LYS A 52 12.69 8.52 -14.90
N LEU A 53 12.22 7.53 -14.16
CA LEU A 53 11.84 7.76 -12.77
C LEU A 53 13.11 8.09 -11.95
N PRO A 54 13.11 9.20 -11.18
CA PRO A 54 14.34 9.61 -10.49
C PRO A 54 14.59 8.96 -9.14
N VAL A 55 13.69 8.08 -8.73
CA VAL A 55 13.84 7.28 -7.51
C VAL A 55 13.59 5.83 -7.92
N PRO A 56 14.02 4.87 -7.08
CA PRO A 56 13.79 3.47 -7.45
C PRO A 56 12.30 3.12 -7.36
N TRP A 57 11.82 2.38 -8.35
CA TRP A 57 10.43 1.92 -8.36
C TRP A 57 9.99 1.29 -7.05
N PRO A 58 10.81 0.44 -6.41
CA PRO A 58 10.33 -0.19 -5.17
C PRO A 58 9.95 0.81 -4.09
N THR A 59 10.59 1.99 -4.08
CA THR A 59 10.30 2.96 -3.03
C THR A 59 8.89 3.53 -3.10
N LEU A 60 8.21 3.34 -4.23
CA LEU A 60 6.87 3.89 -4.47
C LEU A 60 5.75 2.86 -4.34
N VAL A 61 6.09 1.59 -4.15
CA VAL A 61 5.08 0.53 -4.08
C VAL A 61 4.01 0.82 -3.04
N THR A 62 4.39 1.15 -1.81
CA THR A 62 3.36 1.37 -0.79
C THR A 62 2.48 2.58 -1.10
N THR A 63 3.04 3.59 -1.77
CA THR A 63 2.31 4.80 -2.09
C THR A 63 1.26 4.53 -3.20
N PHE A 64 1.69 3.86 -4.27
CA PHE A 64 0.78 3.45 -5.33
C PHE A 64 -0.27 2.47 -4.86
N SER A 65 0.20 1.52 -4.04
CA SER A 65 -0.59 0.35 -3.62
C SER A 65 -0.56 0.30 -2.14
N TYR A 66 0.17 -0.51 -1.39
CA TYR A 66 -0.24 -0.30 -0.05
C TYR A 66 -1.02 0.99 -0.05
N GLY A 67 -1.31 1.27 -1.32
CA GLY A 67 -2.02 2.45 -1.72
C GLY A 67 -3.51 2.28 -1.85
N VAL A 68 -3.98 1.05 -2.12
CA VAL A 68 -5.39 0.77 -2.35
C VAL A 68 -5.82 -0.45 -1.53
N GLN A 69 -5.69 -0.27 -0.21
CA GLN A 69 -5.90 -1.36 0.74
C GLN A 69 -7.37 -1.77 0.86
N CYS A 70 -8.27 -1.06 0.19
CA CYS A 70 -9.63 -1.53 -0.04
C CYS A 70 -9.68 -2.85 -0.81
N PHE A 71 -8.59 -3.25 -1.48
CA PHE A 71 -8.55 -4.53 -2.18
C PHE A 71 -8.04 -5.69 -1.35
N SER A 72 -7.73 -5.45 -0.07
CA SER A 72 -7.37 -6.53 0.84
C SER A 72 -8.51 -7.54 0.97
N ARG A 73 -8.15 -8.80 1.15
CA ARG A 73 -9.15 -9.81 1.49
C ARG A 73 -9.34 -9.81 3.01
N TYR A 74 -10.48 -9.30 3.46
CA TYR A 74 -10.90 -9.47 4.85
C TYR A 74 -11.71 -10.76 4.91
N PRO A 75 -11.20 -11.79 5.61
CA PRO A 75 -12.01 -12.99 5.78
C PRO A 75 -13.36 -12.62 6.38
N ASP A 76 -14.38 -13.43 6.10
CA ASP A 76 -15.71 -13.14 6.58
C ASP A 76 -15.75 -12.77 8.06
N HIS A 77 -15.05 -13.51 8.92
CA HIS A 77 -15.11 -13.23 10.36
C HIS A 77 -14.52 -11.87 10.73
N MET A 78 -13.75 -11.29 9.82
CA MET A 78 -13.12 -10.00 10.03
C MET A 78 -13.72 -8.86 9.25
N LYS A 79 -14.76 -9.12 8.48
CA LYS A 79 -15.30 -8.06 7.62
C LYS A 79 -15.84 -6.86 8.42
N ALA A 80 -16.20 -7.06 9.69
CA ALA A 80 -16.60 -5.95 10.58
C ALA A 80 -15.46 -4.95 10.84
N HIS A 81 -14.26 -5.32 10.47
CA HIS A 81 -13.09 -4.49 10.71
C HIS A 81 -12.53 -3.83 9.46
N ASP A 82 -13.26 -3.88 8.35
CA ASP A 82 -12.76 -3.38 7.07
C ASP A 82 -13.14 -1.90 6.86
N PHE A 83 -12.33 -1.02 7.43
CA PHE A 83 -12.52 0.41 7.26
C PHE A 83 -12.51 0.82 5.80
N PHE A 84 -11.58 0.25 5.05
CA PHE A 84 -11.27 0.73 3.71
C PHE A 84 -12.47 0.61 2.76
N LYS A 85 -13.12 -0.56 2.76
CA LYS A 85 -14.32 -0.73 1.92
C LYS A 85 -15.50 0.07 2.45
N SER A 86 -15.61 0.18 3.78
CA SER A 86 -16.75 0.88 4.39
C SER A 86 -16.79 2.34 3.99
N ALA A 87 -15.61 2.91 3.74
CA ALA A 87 -15.51 4.32 3.35
C ALA A 87 -15.96 4.57 1.91
N MET A 88 -16.15 3.50 1.13
CA MET A 88 -16.53 3.62 -0.28
C MET A 88 -18.05 3.73 -0.43
N PRO A 89 -18.52 4.37 -1.52
CA PRO A 89 -17.74 4.88 -2.65
C PRO A 89 -17.11 6.27 -2.48
N GLU A 90 -17.51 6.98 -1.42
CA GLU A 90 -17.07 8.35 -1.23
C GLU A 90 -15.55 8.45 -1.09
N GLY A 91 -14.97 7.48 -0.41
CA GLY A 91 -13.53 7.32 -0.39
C GLY A 91 -12.88 7.67 0.93
N TYR A 92 -11.55 7.65 0.92
CA TYR A 92 -10.76 8.04 2.06
C TYR A 92 -9.53 8.81 1.64
N VAL A 93 -9.07 9.67 2.53
CA VAL A 93 -7.76 10.30 2.43
C VAL A 93 -6.75 9.34 3.05
N GLN A 94 -5.59 9.20 2.42
CA GLN A 94 -4.49 8.42 2.97
C GLN A 94 -3.24 9.30 2.94
N GLU A 95 -2.68 9.55 4.12
CA GLU A 95 -1.47 10.35 4.26
C GLU A 95 -0.39 9.50 4.89
N ARG A 96 0.84 9.67 4.41
CA ARG A 96 1.99 9.02 5.02
C ARG A 96 3.17 9.94 5.12
N THR A 97 4.01 9.63 6.10
CA THR A 97 5.41 10.02 6.06
C THR A 97 6.21 8.74 6.00
N ILE A 98 7.08 8.65 4.99
CA ILE A 98 7.96 7.52 4.81
C ILE A 98 9.39 8.02 5.03
N SER A 99 10.03 7.54 6.09
CA SER A 99 11.33 8.03 6.52
C SER A 99 12.38 6.98 6.19
N PHE A 100 13.24 7.29 5.21
CA PHE A 100 14.30 6.37 4.83
C PHE A 100 15.47 6.55 5.78
N LYS A 101 15.82 5.48 6.50
CA LYS A 101 16.89 5.55 7.47
C LYS A 101 18.17 6.09 6.84
N ASP A 102 18.78 7.05 7.54
CA ASP A 102 20.02 7.72 7.10
CA ASP A 102 20.03 7.68 7.08
C ASP A 102 19.88 8.37 5.73
N ASP A 103 18.66 8.78 5.40
CA ASP A 103 18.39 9.44 4.12
C ASP A 103 17.14 10.30 4.27
N GLY A 104 16.52 10.64 3.15
CA GLY A 104 15.41 11.57 3.18
C GLY A 104 14.07 10.95 3.52
N ASN A 105 13.03 11.74 3.33
CA ASN A 105 11.65 11.30 3.59
C ASN A 105 10.70 11.69 2.48
N TYR A 106 9.71 10.85 2.27
CA TYR A 106 8.55 11.20 1.46
C TYR A 106 7.38 11.57 2.37
N LYS A 107 6.65 12.60 1.97
CA LYS A 107 5.33 12.88 2.52
C LYS A 107 4.35 12.72 1.36
N THR A 108 3.33 11.90 1.59
CA THR A 108 2.37 11.59 0.55
C THR A 108 0.98 11.95 1.03
N ARG A 109 0.19 12.51 0.13
CA ARG A 109 -1.22 12.74 0.38
C ARG A 109 -1.99 12.20 -0.79
N ALA A 110 -2.92 11.30 -0.51
CA ALA A 110 -3.70 10.63 -1.54
C ALA A 110 -5.17 10.67 -1.20
N GLU A 111 -5.99 10.60 -2.24
CA GLU A 111 -7.43 10.38 -2.11
C GLU A 111 -7.76 9.15 -2.91
N VAL A 112 -8.42 8.20 -2.25
CA VAL A 112 -8.81 6.93 -2.84
C VAL A 112 -10.32 6.88 -2.87
N LYS A 113 -10.92 6.81 -4.06
CA LYS A 113 -12.37 6.85 -4.17
C LYS A 113 -12.78 6.31 -5.51
N PHE A 114 -14.07 6.01 -5.66
CA PHE A 114 -14.60 5.66 -6.96
C PHE A 114 -14.85 6.87 -7.84
N GLU A 115 -14.52 6.72 -9.11
CA GLU A 115 -14.97 7.59 -10.19
C GLU A 115 -15.73 6.66 -11.11
N GLY A 116 -17.05 6.69 -11.06
CA GLY A 116 -17.84 5.72 -11.79
C GLY A 116 -17.54 4.34 -11.25
N ASP A 117 -17.22 3.39 -12.12
CA ASP A 117 -16.93 2.02 -11.69
C ASP A 117 -15.45 1.80 -11.38
N THR A 118 -14.65 2.85 -11.43
CA THR A 118 -13.23 2.72 -11.30
CA THR A 118 -13.18 2.75 -11.31
C THR A 118 -12.70 3.26 -9.99
N LEU A 119 -11.87 2.46 -9.33
CA LEU A 119 -11.25 2.86 -8.09
C LEU A 119 -9.99 3.64 -8.42
N VAL A 120 -9.96 4.90 -7.97
CA VAL A 120 -8.90 5.84 -8.29
CA VAL A 120 -8.84 5.78 -8.29
C VAL A 120 -8.06 6.17 -7.04
N ASN A 121 -6.74 6.17 -7.20
CA ASN A 121 -5.80 6.60 -6.19
C ASN A 121 -5.01 7.77 -6.77
N ARG A 122 -5.32 8.98 -6.29
CA ARG A 122 -4.67 10.21 -6.75
C ARG A 122 -3.71 10.67 -5.67
N ILE A 123 -2.43 10.83 -6.02
CA ILE A 123 -1.39 11.06 -5.03
C ILE A 123 -0.52 12.26 -5.37
N ALA A 124 -0.19 13.05 -4.36
CA ALA A 124 0.89 14.02 -4.41
C ALA A 124 1.99 13.56 -3.47
N LEU A 125 3.23 13.55 -3.96
CA LEU A 125 4.37 13.10 -3.18
C LEU A 125 5.44 14.19 -3.15
N LYS A 126 5.95 14.47 -1.95
CA LYS A 126 7.04 15.43 -1.76
C LYS A 126 8.15 14.73 -0.99
N GLY A 127 9.36 14.74 -1.56
CA GLY A 127 10.51 14.14 -0.92
C GLY A 127 11.58 15.17 -0.68
N ILE A 128 12.14 15.18 0.53
CA ILE A 128 13.19 16.12 0.89
C ILE A 128 14.27 15.41 1.69
N ASP A 129 15.43 16.08 1.75
CA ASP A 129 16.57 15.62 2.54
CA ASP A 129 16.60 15.65 2.52
C ASP A 129 17.23 14.35 2.04
N PHE A 130 17.03 14.03 0.76
CA PHE A 130 17.70 12.88 0.18
C PHE A 130 19.17 13.18 -0.11
N LYS A 131 19.98 12.15 0.06
CA LYS A 131 21.39 12.22 -0.29
C LYS A 131 21.55 11.94 -1.78
N GLU A 132 22.19 12.85 -2.51
CA GLU A 132 22.24 12.71 -3.96
CA GLU A 132 22.41 12.75 -3.96
C GLU A 132 22.94 11.40 -4.40
N ALA A 133 23.84 10.87 -3.58
CA ALA A 133 24.51 9.61 -3.84
C ALA A 133 24.13 8.51 -2.85
N GLY A 134 23.00 8.67 -2.18
CA GLY A 134 22.49 7.66 -1.26
C GLY A 134 21.79 6.53 -1.99
N ASN A 135 21.11 5.66 -1.23
CA ASN A 135 20.51 4.48 -1.85
C ASN A 135 19.33 4.79 -2.75
N ILE A 136 18.66 5.92 -2.50
CA ILE A 136 17.48 6.29 -3.25
C ILE A 136 17.87 7.04 -4.54
N LEU A 137 18.45 8.23 -4.39
CA LEU A 137 18.81 9.02 -5.56
C LEU A 137 19.95 8.38 -6.35
N GLY A 138 20.75 7.55 -5.68
CA GLY A 138 21.81 6.78 -6.33
C GLY A 138 21.36 5.46 -6.95
N HIS A 139 20.08 5.13 -6.86
CA HIS A 139 19.53 3.92 -7.47
C HIS A 139 20.31 2.67 -7.05
N LYS A 140 20.38 2.45 -5.74
CA LYS A 140 21.09 1.30 -5.19
C LYS A 140 20.17 0.20 -4.66
N LEU A 141 18.86 0.33 -4.90
CA LEU A 141 17.92 -0.66 -4.41
CA LEU A 141 17.87 -0.64 -4.45
C LEU A 141 17.65 -1.71 -5.50
N GLU A 142 17.62 -2.97 -5.08
CA GLU A 142 17.30 -4.05 -5.98
C GLU A 142 15.83 -3.99 -6.41
N TYR A 143 15.55 -4.54 -7.59
CA TYR A 143 14.19 -4.56 -8.12
C TYR A 143 13.48 -5.82 -7.62
N ASN A 144 13.11 -5.79 -6.35
CA ASN A 144 12.43 -6.89 -5.69
C ASN A 144 11.70 -6.33 -4.47
N TYR A 145 11.00 -7.19 -3.76
CA TYR A 145 10.15 -6.71 -2.68
C TYR A 145 9.88 -7.82 -1.70
N ASN A 146 9.96 -7.49 -0.42
CA ASN A 146 9.74 -8.44 0.67
C ASN A 146 8.30 -8.42 1.16
N SER A 147 7.88 -9.49 1.83
CA SER A 147 6.56 -9.48 2.44
CA SER A 147 6.57 -9.57 2.48
C SER A 147 6.59 -8.73 3.76
N HIS A 148 5.49 -8.03 4.04
CA HIS A 148 5.41 -7.23 5.25
C HIS A 148 4.01 -7.30 5.84
N ASN A 149 3.94 -7.17 7.16
CA ASN A 149 2.69 -7.02 7.87
C ASN A 149 2.47 -5.54 8.23
N VAL A 150 1.25 -5.09 8.00
CA VAL A 150 0.85 -3.71 8.27
C VAL A 150 -0.14 -3.74 9.40
N ILE A 152 -2.89 -2.34 11.76
CA ILE A 152 -3.91 -1.26 11.71
CA ILE A 152 -3.96 -1.30 11.65
C ILE A 152 -4.53 -1.07 13.05
N THR A 153 -4.67 0.19 13.45
CA THR A 153 -5.38 0.53 14.67
C THR A 153 -6.42 1.59 14.37
N ALA A 154 -7.49 1.57 15.15
CA ALA A 154 -8.50 2.59 15.04
C ALA A 154 -7.97 3.92 15.53
N ASP A 155 -8.41 4.97 14.85
CA ASP A 155 -8.16 6.34 15.27
C ASP A 155 -9.54 6.95 15.51
N LYS A 156 -10.05 6.72 16.72
CA LYS A 156 -11.44 7.05 17.06
C LYS A 156 -11.76 8.53 16.91
N GLN A 157 -10.81 9.37 17.34
CA GLN A 157 -10.97 10.82 17.30
CA GLN A 157 -10.91 10.83 17.29
C GLN A 157 -11.16 11.35 15.87
N LYS A 158 -10.48 10.74 14.92
CA LYS A 158 -10.56 11.14 13.51
C LYS A 158 -11.53 10.30 12.68
N ASN A 159 -12.24 9.39 13.36
CA ASN A 159 -13.16 8.46 12.70
C ASN A 159 -12.48 7.69 11.56
N GLY A 160 -11.24 7.27 11.80
CA GLY A 160 -10.43 6.64 10.77
C GLY A 160 -9.52 5.60 11.38
N ILE A 161 -8.40 5.38 10.69
CA ILE A 161 -7.42 4.42 11.14
CA ILE A 161 -7.41 4.40 11.11
C ILE A 161 -6.01 5.00 11.01
N LYS A 162 -5.07 4.34 11.67
CA LYS A 162 -3.66 4.64 11.54
C LYS A 162 -2.90 3.34 11.42
N ALA A 163 -1.66 3.46 10.95
CA ALA A 163 -0.75 2.33 10.89
C ALA A 163 0.69 2.83 10.97
N ASN A 164 1.57 2.08 11.63
CA ASN A 164 3.03 2.30 11.60
CA ASN A 164 2.99 2.31 11.43
C ASN A 164 3.69 0.98 11.26
N PHE A 165 4.56 0.94 10.24
CA PHE A 165 5.24 -0.29 9.84
C PHE A 165 6.54 0.03 9.17
N LYS A 166 7.44 -0.95 9.16
CA LYS A 166 8.74 -0.79 8.56
C LYS A 166 8.84 -1.60 7.28
N ILE A 167 9.16 -0.95 6.17
CA ILE A 167 9.47 -1.64 4.94
C ILE A 167 10.98 -1.78 4.85
N ARG A 168 11.43 -2.95 4.44
CA ARG A 168 12.85 -3.15 4.21
C ARG A 168 13.09 -3.42 2.74
N HIS A 169 13.88 -2.55 2.12
CA HIS A 169 14.23 -2.65 0.71
C HIS A 169 15.63 -3.24 0.59
N ASN A 170 15.76 -4.34 -0.12
CA ASN A 170 17.08 -4.92 -0.39
C ASN A 170 17.95 -3.97 -1.20
N ILE A 171 19.22 -3.80 -0.77
CA ILE A 171 20.24 -2.97 -1.41
CA ILE A 171 20.19 -2.95 -1.44
C ILE A 171 21.17 -3.82 -2.23
N ALA A 172 21.76 -3.25 -3.27
CA ALA A 172 22.68 -3.94 -4.15
C ALA A 172 23.88 -4.55 -3.43
N ASP A 173 24.35 -3.95 -2.34
CA ASP A 173 25.50 -4.52 -1.63
C ASP A 173 25.10 -5.66 -0.68
N GLY A 174 23.83 -6.04 -0.66
CA GLY A 174 23.35 -7.12 0.20
C GLY A 174 22.70 -6.68 1.50
N SER A 175 22.85 -5.40 1.82
CA SER A 175 22.25 -4.85 3.02
C SER A 175 20.78 -4.49 2.78
N VAL A 176 20.21 -3.69 3.68
CA VAL A 176 18.83 -3.32 3.63
CA VAL A 176 18.82 -3.27 3.55
C VAL A 176 18.68 -1.81 3.88
N GLN A 177 17.77 -1.19 3.16
CA GLN A 177 17.36 0.18 3.38
C GLN A 177 16.00 0.16 4.05
N LEU A 178 15.96 0.61 5.30
CA LEU A 178 14.72 0.70 6.05
C LEU A 178 13.95 1.95 5.61
N ALA A 179 12.63 1.78 5.45
CA ALA A 179 11.70 2.85 5.15
C ALA A 179 10.58 2.79 6.18
N ASP A 180 10.66 3.66 7.18
CA ASP A 180 9.69 3.68 8.29
CA ASP A 180 9.67 3.63 8.25
C ASP A 180 8.42 4.36 7.80
N HIS A 181 7.27 3.70 7.87
CA HIS A 181 6.02 4.26 7.42
C HIS A 181 5.10 4.63 8.57
N TYR A 182 4.62 5.87 8.55
CA TYR A 182 3.52 6.30 9.41
C TYR A 182 2.37 6.65 8.48
N GLN A 183 1.19 6.15 8.80
CA GLN A 183 0.02 6.26 7.93
C GLN A 183 -1.20 6.68 8.71
N GLN A 184 -1.99 7.56 8.12
CA GLN A 184 -3.30 7.93 8.66
C GLN A 184 -4.31 7.98 7.55
N ASN A 185 -5.49 7.43 7.80
CA ASN A 185 -6.58 7.43 6.85
C ASN A 185 -7.84 8.01 7.49
N THR A 186 -8.55 8.84 6.75
CA THR A 186 -9.79 9.45 7.25
C THR A 186 -10.83 9.35 6.14
N PRO A 187 -12.10 9.16 6.51
CA PRO A 187 -13.15 9.03 5.50
C PRO A 187 -13.45 10.37 4.84
N ILE A 188 -13.75 10.32 3.55
CA ILE A 188 -14.22 11.46 2.78
C ILE A 188 -15.73 11.69 2.96
N GLY A 189 -16.50 10.61 2.98
CA GLY A 189 -17.94 10.77 3.17
C GLY A 189 -18.32 11.22 4.57
N ALA A 190 -19.59 11.62 4.74
CA ALA A 190 -20.16 11.92 6.06
C ALA A 190 -20.93 10.71 6.59
N GLY A 191 -20.83 9.61 5.85
CA GLY A 191 -21.52 8.38 6.18
C GLY A 191 -20.74 7.59 7.22
N PRO A 192 -21.39 6.58 7.81
CA PRO A 192 -20.72 5.77 8.83
C PRO A 192 -19.60 4.94 8.21
N VAL A 193 -18.61 4.66 9.03
CA VAL A 193 -17.52 3.77 8.65
C VAL A 193 -17.26 2.76 9.77
N LEU A 194 -16.56 1.69 9.43
CA LEU A 194 -16.18 0.66 10.39
C LEU A 194 -14.87 1.03 11.03
N LEU A 195 -14.87 1.10 12.36
CA LEU A 195 -13.61 1.30 13.09
C LEU A 195 -13.15 -0.02 13.67
N PRO A 196 -11.97 -0.45 13.26
CA PRO A 196 -11.58 -1.82 13.49
C PRO A 196 -10.95 -2.08 14.84
N ASP A 197 -11.09 -3.32 15.30
CA ASP A 197 -10.16 -3.86 16.30
C ASP A 197 -8.79 -3.95 15.68
N ASN A 198 -7.78 -4.00 16.54
CA ASN A 198 -6.42 -4.23 16.08
C ASN A 198 -6.32 -5.48 15.21
N HIS A 199 -5.63 -5.35 14.10
CA HIS A 199 -5.41 -6.48 13.20
C HIS A 199 -4.27 -6.07 12.27
N TYR A 200 -3.88 -6.97 11.36
CA TYR A 200 -2.86 -6.59 10.40
C TYR A 200 -3.23 -7.06 9.00
N LEU A 201 -2.58 -6.43 8.03
CA LEU A 201 -2.66 -6.84 6.64
C LEU A 201 -1.34 -7.49 6.27
N SER A 202 -1.41 -8.76 5.89
CA SER A 202 -0.24 -9.50 5.43
C SER A 202 -0.13 -9.28 3.93
N THR A 203 0.98 -8.69 3.49
CA THR A 203 1.12 -8.23 2.13
C THR A 203 2.32 -8.85 1.46
N GLN A 204 2.12 -9.47 0.30
CA GLN A 204 3.21 -10.00 -0.53
C GLN A 204 3.16 -9.31 -1.88
N SER A 205 4.31 -8.86 -2.36
CA SER A 205 4.42 -8.08 -3.57
C SER A 205 5.52 -8.63 -4.45
N ALA A 206 5.20 -8.81 -5.73
CA ALA A 206 6.17 -9.27 -6.71
C ALA A 206 6.27 -8.20 -7.80
N LEU A 207 7.50 -7.84 -8.13
CA LEU A 207 7.74 -6.81 -9.15
C LEU A 207 8.22 -7.49 -10.41
N SER A 208 7.75 -6.99 -11.55
CA SER A 208 8.20 -7.54 -12.82
CA SER A 208 8.01 -7.59 -12.84
C SER A 208 8.11 -6.47 -13.88
N LYS A 209 8.40 -6.88 -15.10
CA LYS A 209 8.38 -5.97 -16.23
C LYS A 209 7.81 -6.67 -17.41
N ASP A 210 7.14 -5.92 -18.26
CA ASP A 210 6.77 -6.45 -19.56
C ASP A 210 7.95 -6.26 -20.52
N PRO A 211 8.52 -7.38 -21.03
CA PRO A 211 9.66 -7.28 -21.94
C PRO A 211 9.37 -6.48 -23.21
N ASN A 212 8.08 -6.30 -23.53
CA ASN A 212 7.67 -5.53 -24.72
C ASN A 212 7.42 -4.04 -24.45
N GLU A 213 7.56 -3.62 -23.20
CA GLU A 213 7.34 -2.24 -22.82
C GLU A 213 8.66 -1.47 -22.75
N LYS A 214 8.79 -0.44 -23.58
CA LYS A 214 10.02 0.34 -23.65
C LYS A 214 10.11 1.50 -22.65
N ARG A 215 8.97 1.99 -22.18
CA ARG A 215 8.97 3.07 -21.22
C ARG A 215 9.44 2.56 -19.87
N ASP A 216 9.87 3.49 -19.02
CA ASP A 216 10.25 3.15 -17.66
C ASP A 216 8.95 2.82 -16.90
N HIS A 217 8.90 1.63 -16.31
CA HIS A 217 7.65 1.11 -15.77
C HIS A 217 7.90 0.03 -14.73
N MET A 218 6.84 -0.28 -13.97
CA MET A 218 6.86 -1.36 -13.01
C MET A 218 5.53 -2.10 -13.10
N VAL A 219 5.59 -3.42 -13.17
CA VAL A 219 4.42 -4.27 -12.95
C VAL A 219 4.47 -4.79 -11.51
N LEU A 220 3.35 -4.67 -10.83
CA LEU A 220 3.19 -5.07 -9.44
C LEU A 220 2.06 -6.09 -9.33
N LEU A 221 2.38 -7.26 -8.76
CA LEU A 221 1.41 -8.30 -8.46
CA LEU A 221 1.45 -8.32 -8.47
C LEU A 221 1.42 -8.49 -6.96
N GLU A 222 0.28 -8.26 -6.33
CA GLU A 222 0.24 -8.22 -4.88
C GLU A 222 -0.95 -8.99 -4.34
N PHE A 223 -0.72 -9.62 -3.20
CA PHE A 223 -1.77 -10.30 -2.44
C PHE A 223 -1.79 -9.76 -1.04
N VAL A 224 -2.98 -9.43 -0.56
CA VAL A 224 -3.13 -8.82 0.76
C VAL A 224 -4.27 -9.50 1.48
N THR A 225 -3.99 -9.96 2.70
CA THR A 225 -4.95 -10.69 3.51
C THR A 225 -4.97 -10.10 4.92
N ALA A 226 -6.15 -9.76 5.41
CA ALA A 226 -6.30 -9.35 6.79
C ALA A 226 -6.19 -10.55 7.71
N ALA A 227 -5.56 -10.35 8.86
CA ALA A 227 -5.30 -11.42 9.81
C ALA A 227 -5.12 -10.85 11.22
N GLY A 228 -4.93 -11.75 12.19
CA GLY A 228 -4.65 -11.34 13.55
C GLY A 228 -5.79 -11.53 14.52
N ILE A 229 -6.94 -11.96 14.00
CA ILE A 229 -8.10 -12.31 14.81
C ILE A 229 -8.46 -13.74 14.40
N THR A 230 -8.56 -14.63 15.38
CA THR A 230 -8.75 -16.05 15.12
C THR A 230 -10.23 -16.38 14.96
N HIS A 231 -10.58 -17.07 13.86
CA HIS A 231 -11.98 -17.44 13.66
C HIS A 231 -12.48 -18.45 14.68
N GLY A 232 -13.78 -18.36 14.94
CA GLY A 232 -14.44 -19.21 15.93
C GLY A 232 -14.39 -20.69 15.61
N MET A 233 -14.21 -21.00 14.33
CA MET A 233 -14.10 -22.37 13.81
CA MET A 233 -14.17 -22.39 13.88
C MET A 233 -13.13 -23.22 14.62
N ASP A 234 -12.00 -22.62 14.99
CA ASP A 234 -10.92 -23.39 15.60
C ASP A 234 -11.32 -24.04 16.91
N GLU A 235 -11.98 -23.26 17.77
CA GLU A 235 -12.50 -23.82 19.02
C GLU A 235 -13.79 -24.62 18.83
N ALA A 236 -14.66 -24.19 17.91
CA ALA A 236 -15.92 -24.90 17.67
C ALA A 236 -15.67 -26.34 17.20
N TYR A 237 -14.61 -26.54 16.41
CA TYR A 237 -14.33 -27.84 15.81
C TYR A 237 -13.02 -28.47 16.28
N ALA A 238 -12.38 -27.83 17.27
CA ALA A 238 -11.14 -28.35 17.87
C ALA A 238 -10.07 -28.60 16.81
N LEU A 239 -9.77 -27.55 16.05
CA LEU A 239 -8.84 -27.59 14.92
C LEU A 239 -7.45 -27.25 15.40
N GLU A 240 -6.54 -28.21 15.25
CA GLU A 240 -5.17 -28.08 15.73
C GLU A 240 -4.30 -27.29 14.76
N HIS A 241 -4.53 -25.97 14.68
CA HIS A 241 -3.67 -25.14 13.84
C HIS A 241 -3.57 -23.73 14.37
N HIS A 242 -4.40 -23.43 15.36
CA HIS A 242 -4.35 -22.13 16.02
C HIS A 242 -3.60 -22.24 17.33
N HIS A 243 -3.21 -21.08 17.85
CA HIS A 243 -2.63 -21.02 19.17
C HIS A 243 -3.67 -21.38 20.23
N HIS A 244 -3.37 -22.38 21.06
CA HIS A 244 -4.31 -22.80 22.07
C HIS A 244 -3.59 -23.57 23.17
N HIS A 245 -4.32 -23.83 24.25
CA HIS A 245 -3.79 -24.48 25.45
C HIS A 245 -4.67 -25.62 25.88
N HIS A 246 -4.02 -26.64 26.47
CA HIS A 246 -4.72 -27.76 27.09
C HIS A 246 -4.40 -27.84 28.57
#